data_5F3T
#
_entry.id   5F3T
#
_cell.length_a   161.580
_cell.length_b   177.090
_cell.length_c   57.880
_cell.angle_alpha   90.000
_cell.angle_beta   90.000
_cell.angle_gamma   90.000
#
_symmetry.space_group_name_H-M   'C 2 2 21'
#
loop_
_entity.id
_entity.type
_entity.pdbx_description
1 polymer 'RNA-DEPENDENT RNA POLYMERASE'
2 non-polymer 'ZINC ION'
3 non-polymer '2-(4-methoxy-3-phenyl-phenyl)ethanoic acid'
4 water water
#
_entity_poly.entity_id   1
_entity_poly.type   'polypeptide(L)'
_entity_poly.pdbx_seq_one_letter_code
;GSHMLDNMDVIGERIKRIKEEHNSTWHYDDENPYKTWAYHGSYEVKATGSASSMINGVVKLLTKPWDVVPMVTQMAMTDT
TPFGQQRVFKEKVDTRTPRPLPGTRKVMEITAEWLWRTLGRNKRPRLCTREEFTKKVRTNAAMGAVFTEENQWDSAKAAV
EDEEFWKLVDRERELHKLGKCGSCVYNMMGKREKKLGEFGKAKGSRAIWYMWLGVRYLEFEALGFLNEDHWFSRENSYSG
VEGEGLHKLGYILRDISKIPGGAMYADDTAGWDTRITEDDLHNEEKIIQQMDPEHRQLANAIFKLTYQNKVVKVQRPTPT
GTVMDIISRKDQRGSGQVGTYGLNTFTNMEAQLVRQMEGEGVLTKADLENPHLLEKKITQWLETKGVERLKRMAISGDDC
VVKPIDDRFANALLALNDMGKVRKDIPQWQPSKGWHDWQQVPFCSHHFHELIMKDGRKLVVPCRPQDELIGRARISQGAG
WSLRETACLGKAYAQMWSLMYFHRRDLRLASNAICSAVPVHWVPTSRTTWSIHAHHQWMTTEDMLTVWNRVWIEENPWME
DKTPVTTWENVPYLGKREDQWCGSLIGLTSRATWAQNIPTAIQQVRSLIGNEEFLDYMPSMKRFRKEEESEGAIW
;
_entity_poly.pdbx_strand_id   A
#
# COMPACT_ATOMS: atom_id res chain seq x y z
N ASN A 7 -18.35 16.88 -20.44
CA ASN A 7 -17.18 16.11 -19.99
C ASN A 7 -16.34 15.55 -21.15
N MET A 8 -16.96 15.43 -22.35
CA MET A 8 -16.34 14.86 -23.56
C MET A 8 -15.17 15.69 -24.11
N ASP A 9 -15.08 16.99 -23.75
CA ASP A 9 -13.98 17.86 -24.19
C ASP A 9 -12.62 17.47 -23.58
N VAL A 10 -12.62 16.80 -22.41
CA VAL A 10 -11.41 16.38 -21.69
C VAL A 10 -11.06 14.90 -21.99
N ILE A 11 -12.08 14.04 -22.14
CA ILE A 11 -11.93 12.58 -22.30
C ILE A 11 -12.14 12.04 -23.73
N GLY A 12 -12.84 12.79 -24.57
CA GLY A 12 -13.18 12.42 -25.94
C GLY A 12 -12.05 11.90 -26.81
N GLU A 13 -10.88 12.56 -26.76
CA GLU A 13 -9.69 12.18 -27.55
C GLU A 13 -9.21 10.77 -27.23
N ARG A 14 -9.07 10.44 -25.93
CA ARG A 14 -8.65 9.12 -25.44
C ARG A 14 -9.61 8.04 -25.91
N ILE A 15 -10.94 8.28 -25.83
CA ILE A 15 -11.98 7.34 -26.25
C ILE A 15 -11.92 7.17 -27.78
N LYS A 16 -11.86 8.30 -28.53
CA LYS A 16 -11.72 8.34 -30.00
C LYS A 16 -10.55 7.46 -30.46
N ARG A 17 -9.41 7.50 -29.75
CA ARG A 17 -8.23 6.69 -30.08
C ARG A 17 -8.41 5.21 -29.79
N ILE A 18 -9.23 4.86 -28.77
CA ILE A 18 -9.54 3.46 -28.40
C ILE A 18 -10.52 2.91 -29.43
N LYS A 19 -11.58 3.70 -29.72
CA LYS A 19 -12.62 3.46 -30.70
C LYS A 19 -11.98 3.17 -32.08
N GLU A 20 -11.08 4.08 -32.54
CA GLU A 20 -10.36 3.94 -33.81
C GLU A 20 -9.50 2.68 -33.85
N GLU A 21 -8.68 2.45 -32.80
CA GLU A 21 -7.79 1.30 -32.66
C GLU A 21 -8.58 -0.03 -32.70
N HIS A 22 -9.77 -0.07 -32.07
CA HIS A 22 -10.62 -1.26 -31.98
C HIS A 22 -11.95 -1.16 -32.76
N ASN A 23 -11.96 -0.40 -33.88
CA ASN A 23 -13.17 -0.20 -34.72
C ASN A 23 -13.72 -1.52 -35.32
N SER A 24 -12.89 -2.59 -35.33
CA SER A 24 -13.26 -3.91 -35.83
C SER A 24 -14.35 -4.54 -34.94
N THR A 25 -14.18 -4.46 -33.61
CA THR A 25 -15.12 -5.05 -32.64
C THR A 25 -15.87 -4.02 -31.76
N TRP A 26 -15.62 -2.69 -31.93
CA TRP A 26 -16.28 -1.64 -31.13
C TRP A 26 -17.80 -1.62 -31.27
N HIS A 27 -18.49 -1.59 -30.13
CA HIS A 27 -19.94 -1.56 -30.00
C HIS A 27 -20.35 -0.97 -28.66
N TYR A 28 -21.62 -0.54 -28.56
CA TYR A 28 -22.19 -0.03 -27.32
C TYR A 28 -23.08 -1.13 -26.74
N ASP A 29 -22.58 -1.85 -25.73
CA ASP A 29 -23.33 -2.90 -25.05
C ASP A 29 -24.37 -2.20 -24.19
N ASP A 30 -25.63 -2.25 -24.62
CA ASP A 30 -26.78 -1.60 -23.96
C ASP A 30 -27.16 -2.27 -22.62
N GLU A 31 -26.63 -3.48 -22.35
CA GLU A 31 -26.86 -4.21 -21.10
C GLU A 31 -25.56 -4.28 -20.24
N ASN A 32 -24.82 -3.15 -20.22
CA ASN A 32 -23.58 -2.95 -19.43
C ASN A 32 -24.00 -2.69 -17.96
N PRO A 33 -23.18 -3.05 -16.95
CA PRO A 33 -23.63 -2.93 -15.55
C PRO A 33 -23.26 -1.63 -14.80
N TYR A 34 -22.66 -0.64 -15.47
CA TYR A 34 -22.21 0.61 -14.85
C TYR A 34 -23.37 1.53 -14.48
N LYS A 35 -23.44 1.94 -13.19
CA LYS A 35 -24.51 2.81 -12.67
C LYS A 35 -24.06 4.22 -12.31
N THR A 36 -22.82 4.37 -11.77
CA THR A 36 -22.26 5.66 -11.32
C THR A 36 -21.11 6.13 -12.22
N TRP A 37 -20.59 5.24 -13.05
CA TRP A 37 -19.54 5.55 -14.03
C TRP A 37 -20.22 5.72 -15.38
N ALA A 38 -19.74 6.69 -16.18
CA ALA A 38 -20.25 6.89 -17.54
C ALA A 38 -19.63 5.79 -18.40
N TYR A 39 -20.47 5.02 -19.10
CA TYR A 39 -20.01 3.93 -19.98
C TYR A 39 -20.01 4.42 -21.43
N HIS A 40 -18.87 4.22 -22.13
CA HIS A 40 -18.70 4.70 -23.50
C HIS A 40 -18.82 3.62 -24.57
N GLY A 41 -18.32 2.43 -24.28
CA GLY A 41 -18.38 1.31 -25.22
C GLY A 41 -17.48 0.14 -24.87
N SER A 42 -17.55 -0.90 -25.71
CA SER A 42 -16.80 -2.14 -25.55
C SER A 42 -16.11 -2.58 -26.84
N TYR A 43 -15.16 -3.50 -26.70
CA TYR A 43 -14.41 -4.18 -27.76
C TYR A 43 -13.92 -5.53 -27.20
N GLU A 44 -13.93 -6.57 -28.05
CA GLU A 44 -13.52 -7.92 -27.65
C GLU A 44 -12.03 -8.04 -27.33
N VAL A 45 -11.72 -8.81 -26.28
CA VAL A 45 -10.36 -9.09 -25.79
C VAL A 45 -10.22 -10.57 -25.38
N LYS A 46 -8.98 -11.01 -25.16
CA LYS A 46 -8.67 -12.36 -24.66
C LYS A 46 -8.83 -12.32 -23.13
N ALA A 47 -9.06 -13.48 -22.49
CA ALA A 47 -9.21 -13.55 -21.03
C ALA A 47 -7.87 -13.37 -20.30
N THR A 48 -7.83 -12.44 -19.32
CA THR A 48 -6.68 -12.11 -18.49
C THR A 48 -6.96 -12.54 -17.04
N GLY A 49 -5.94 -13.09 -16.36
CA GLY A 49 -6.04 -13.53 -14.98
C GLY A 49 -6.49 -14.96 -14.78
N SER A 50 -6.49 -15.41 -13.49
CA SER A 50 -6.89 -16.76 -13.10
C SER A 50 -7.78 -16.78 -11.84
N ALA A 51 -8.56 -17.87 -11.66
CA ALA A 51 -9.44 -18.05 -10.51
C ALA A 51 -8.66 -18.46 -9.25
N SER A 52 -7.62 -19.31 -9.42
CA SER A 52 -6.73 -19.79 -8.36
C SER A 52 -5.31 -19.22 -8.53
N SER A 53 -4.43 -19.47 -7.55
CA SER A 53 -3.03 -19.03 -7.55
C SER A 53 -2.08 -20.25 -7.54
N MET A 54 -0.91 -20.14 -8.23
CA MET A 54 0.08 -21.23 -8.26
C MET A 54 0.71 -21.39 -6.88
N ILE A 55 0.87 -22.64 -6.42
CA ILE A 55 1.42 -22.95 -5.12
C ILE A 55 2.91 -23.17 -5.18
N ASN A 56 3.64 -22.57 -4.24
CA ASN A 56 5.08 -22.75 -4.10
C ASN A 56 5.26 -24.10 -3.41
N GLY A 57 5.63 -25.11 -4.20
CA GLY A 57 5.84 -26.46 -3.72
C GLY A 57 6.93 -26.58 -2.66
N VAL A 58 7.97 -25.73 -2.76
CA VAL A 58 9.09 -25.72 -1.80
C VAL A 58 8.58 -25.33 -0.41
N VAL A 59 7.88 -24.19 -0.30
CA VAL A 59 7.30 -23.72 0.97
C VAL A 59 6.25 -24.72 1.46
N LYS A 60 5.35 -25.20 0.56
CA LYS A 60 4.29 -26.16 0.90
C LYS A 60 4.83 -27.47 1.50
N LEU A 61 5.88 -28.07 0.88
CA LEU A 61 6.46 -29.31 1.40
C LEU A 61 7.11 -29.16 2.77
N LEU A 62 7.54 -27.92 3.11
CA LEU A 62 8.19 -27.65 4.38
C LEU A 62 7.23 -27.04 5.44
N THR A 63 5.95 -26.92 5.10
CA THR A 63 4.93 -26.40 6.03
C THR A 63 3.70 -27.33 6.04
N LYS A 64 3.93 -28.66 6.18
CA LYS A 64 2.87 -29.69 6.16
C LYS A 64 1.71 -29.42 7.15
N PRO A 65 1.91 -29.06 8.42
CA PRO A 65 0.75 -28.80 9.30
C PRO A 65 -0.22 -27.74 8.82
N TRP A 66 0.22 -26.85 7.92
CA TRP A 66 -0.64 -25.78 7.42
C TRP A 66 -1.41 -26.16 6.17
N ASP A 67 -1.25 -27.43 5.70
CA ASP A 67 -2.04 -27.94 4.58
C ASP A 67 -3.52 -28.03 5.11
N VAL A 68 -3.70 -28.29 6.43
CA VAL A 68 -5.03 -28.38 7.04
C VAL A 68 -5.42 -27.06 7.73
N VAL A 69 -5.20 -25.89 7.08
CA VAL A 69 -5.52 -24.59 7.69
C VAL A 69 -6.39 -23.74 6.74
N PRO A 70 -7.63 -23.41 7.17
CA PRO A 70 -8.57 -22.67 6.29
C PRO A 70 -8.06 -21.35 5.70
N MET A 71 -7.42 -20.47 6.51
CA MET A 71 -6.87 -19.21 5.98
C MET A 71 -5.78 -19.46 4.92
N VAL A 72 -4.96 -20.54 5.09
CA VAL A 72 -3.91 -20.91 4.14
C VAL A 72 -4.55 -21.33 2.78
N THR A 73 -5.66 -22.08 2.81
CA THR A 73 -6.43 -22.49 1.62
C THR A 73 -7.07 -21.29 0.91
N GLN A 74 -7.69 -20.36 1.66
CA GLN A 74 -8.34 -19.17 1.10
C GLN A 74 -7.38 -18.30 0.27
N MET A 75 -6.15 -18.12 0.78
CA MET A 75 -5.16 -17.29 0.08
C MET A 75 -4.74 -17.90 -1.26
N ALA A 76 -4.69 -19.25 -1.33
CA ALA A 76 -4.34 -20.01 -2.53
C ALA A 76 -5.35 -19.82 -3.70
N MET A 77 -6.44 -19.08 -3.45
CA MET A 77 -7.49 -18.77 -4.42
C MET A 77 -7.26 -17.40 -5.07
N THR A 78 -8.13 -16.39 -4.83
CA THR A 78 -8.10 -15.01 -5.37
C THR A 78 -8.28 -15.02 -6.91
N ASP A 79 -9.44 -14.51 -7.36
CA ASP A 79 -9.87 -14.45 -8.76
C ASP A 79 -9.47 -13.13 -9.45
N THR A 80 -8.76 -13.24 -10.58
CA THR A 80 -8.31 -12.10 -11.39
C THR A 80 -8.88 -12.14 -12.82
N THR A 81 -9.82 -13.07 -13.07
CA THR A 81 -10.50 -13.24 -14.38
C THR A 81 -11.51 -12.09 -14.61
N PRO A 82 -12.06 -11.90 -15.85
CA PRO A 82 -13.07 -10.84 -16.05
C PRO A 82 -14.26 -10.92 -15.08
N PHE A 83 -14.66 -12.14 -14.66
CA PHE A 83 -15.74 -12.39 -13.69
C PHE A 83 -15.35 -11.88 -12.31
N GLY A 84 -14.12 -12.18 -11.89
CA GLY A 84 -13.55 -11.74 -10.61
C GLY A 84 -13.49 -10.23 -10.50
N GLN A 85 -13.08 -9.56 -11.60
CA GLN A 85 -12.97 -8.11 -11.73
C GLN A 85 -14.34 -7.43 -11.59
N GLN A 86 -15.35 -7.97 -12.29
CA GLN A 86 -16.73 -7.45 -12.29
C GLN A 86 -17.39 -7.50 -10.91
N ARG A 87 -17.12 -8.57 -10.13
CA ARG A 87 -17.65 -8.76 -8.78
C ARG A 87 -17.17 -7.70 -7.79
N VAL A 88 -15.84 -7.45 -7.76
CA VAL A 88 -15.18 -6.45 -6.89
C VAL A 88 -15.67 -5.03 -7.26
N PHE A 89 -15.85 -4.78 -8.57
CA PHE A 89 -16.33 -3.52 -9.12
C PHE A 89 -17.71 -3.14 -8.56
N LYS A 90 -18.72 -4.02 -8.71
CA LYS A 90 -20.11 -3.85 -8.26
C LYS A 90 -20.19 -3.55 -6.76
N GLU A 91 -19.49 -4.37 -5.95
CA GLU A 91 -19.40 -4.31 -4.48
C GLU A 91 -19.04 -2.94 -3.90
N LYS A 92 -17.99 -2.27 -4.43
CA LYS A 92 -17.51 -0.99 -3.89
C LYS A 92 -17.44 0.18 -4.87
N VAL A 93 -16.72 -0.02 -5.98
CA VAL A 93 -16.36 0.96 -7.01
C VAL A 93 -17.57 1.69 -7.63
N ASP A 94 -18.67 0.97 -7.92
CA ASP A 94 -19.86 1.55 -8.56
C ASP A 94 -20.83 2.20 -7.54
N THR A 95 -20.33 3.24 -6.83
CA THR A 95 -21.07 4.01 -5.82
C THR A 95 -20.79 5.50 -5.96
N ARG A 96 -21.58 6.30 -5.25
CA ARG A 96 -21.51 7.75 -5.22
C ARG A 96 -21.41 8.17 -3.74
N THR A 97 -20.48 9.09 -3.44
CA THR A 97 -20.28 9.59 -2.07
C THR A 97 -21.06 10.88 -2.01
N PRO A 98 -22.01 11.05 -1.03
CA PRO A 98 -22.75 12.33 -0.94
C PRO A 98 -21.77 13.49 -0.76
N ARG A 99 -22.10 14.64 -1.33
CA ARG A 99 -21.24 15.81 -1.25
C ARG A 99 -21.15 16.31 0.20
N PRO A 100 -19.92 16.58 0.73
CA PRO A 100 -19.82 17.16 2.09
C PRO A 100 -20.57 18.50 2.16
N LEU A 101 -21.06 18.83 3.36
CA LEU A 101 -21.78 20.08 3.67
C LEU A 101 -20.87 21.33 3.45
N PRO A 102 -21.45 22.55 3.28
CA PRO A 102 -20.61 23.73 2.98
C PRO A 102 -19.56 24.07 4.04
N GLY A 103 -19.90 23.93 5.32
CA GLY A 103 -18.97 24.18 6.42
C GLY A 103 -17.85 23.16 6.42
N THR A 104 -18.19 21.88 6.18
CA THR A 104 -17.19 20.82 6.09
C THR A 104 -16.20 21.17 4.97
N ARG A 105 -16.70 21.60 3.80
CA ARG A 105 -15.86 21.98 2.66
C ARG A 105 -14.91 23.11 3.00
N LYS A 106 -15.38 24.12 3.77
CA LYS A 106 -14.51 25.22 4.18
C LYS A 106 -13.36 24.77 5.11
N VAL A 107 -13.65 23.96 6.17
CA VAL A 107 -12.65 23.42 7.10
C VAL A 107 -11.64 22.63 6.31
N MET A 108 -12.13 21.79 5.37
CA MET A 108 -11.22 20.94 4.58
C MET A 108 -10.27 21.80 3.75
N GLU A 109 -10.80 22.89 3.19
CA GLU A 109 -10.01 23.83 2.41
C GLU A 109 -9.00 24.57 3.28
N ILE A 110 -9.42 25.09 4.46
CA ILE A 110 -8.49 25.78 5.37
C ILE A 110 -7.35 24.84 5.83
N THR A 111 -7.70 23.63 6.26
CA THR A 111 -6.75 22.62 6.70
C THR A 111 -5.82 22.18 5.57
N ALA A 112 -6.37 21.91 4.35
CA ALA A 112 -5.54 21.47 3.22
C ALA A 112 -4.45 22.50 2.86
N GLU A 113 -4.83 23.80 2.84
CA GLU A 113 -3.92 24.91 2.55
C GLU A 113 -2.82 24.96 3.58
N TRP A 114 -3.17 24.84 4.88
CA TRP A 114 -2.20 24.90 5.96
C TRP A 114 -1.27 23.69 5.91
N LEU A 115 -1.84 22.50 5.63
CA LEU A 115 -1.07 21.26 5.56
C LEU A 115 -0.04 21.29 4.42
N TRP A 116 -0.45 21.71 3.20
CA TRP A 116 0.45 21.82 2.07
C TRP A 116 1.61 22.81 2.38
N ARG A 117 1.32 23.94 3.06
CA ARG A 117 2.35 24.94 3.41
C ARG A 117 3.34 24.35 4.39
N THR A 118 2.83 23.61 5.41
CA THR A 118 3.60 22.92 6.43
C THR A 118 4.54 21.88 5.78
N LEU A 119 3.98 21.08 4.84
CA LEU A 119 4.73 20.03 4.15
C LEU A 119 5.81 20.57 3.23
N GLY A 120 5.60 21.79 2.72
CA GLY A 120 6.55 22.45 1.84
C GLY A 120 7.40 23.52 2.50
N ARG A 121 7.52 23.48 3.84
CA ARG A 121 8.30 24.47 4.61
C ARG A 121 9.82 24.41 4.32
N ASN A 122 10.36 23.21 4.03
CA ASN A 122 11.78 22.97 3.76
C ASN A 122 12.00 22.43 2.36
N LYS A 123 11.05 21.63 1.84
CA LYS A 123 11.17 21.05 0.51
C LYS A 123 10.42 21.90 -0.51
N ARG A 124 10.95 21.94 -1.72
CA ARG A 124 10.31 22.64 -2.83
C ARG A 124 9.95 21.57 -3.86
N PRO A 125 8.73 21.58 -4.43
CA PRO A 125 8.43 20.57 -5.48
C PRO A 125 9.40 20.66 -6.66
N ARG A 126 9.55 19.55 -7.40
CA ARG A 126 10.37 19.47 -8.60
C ARG A 126 9.87 18.36 -9.51
N LEU A 127 10.26 18.42 -10.78
CA LEU A 127 9.92 17.43 -11.79
C LEU A 127 10.81 16.20 -11.63
N CYS A 128 10.25 15.02 -11.88
CA CYS A 128 11.09 13.83 -11.85
C CYS A 128 11.46 13.52 -13.30
N THR A 129 12.57 12.79 -13.50
CA THR A 129 13.14 12.59 -14.83
C THR A 129 12.98 11.20 -15.44
N ARG A 130 13.32 11.08 -16.75
CA ARG A 130 13.32 9.83 -17.51
C ARG A 130 14.36 8.85 -16.89
N GLU A 131 15.53 9.40 -16.50
CA GLU A 131 16.67 8.68 -15.90
CA GLU A 131 16.65 8.67 -15.90
C GLU A 131 16.30 8.08 -14.55
N GLU A 132 15.56 8.84 -13.71
CA GLU A 132 15.10 8.38 -12.40
C GLU A 132 14.16 7.19 -12.60
N PHE A 133 13.18 7.34 -13.51
CA PHE A 133 12.17 6.33 -13.86
C PHE A 133 12.82 5.06 -14.42
N THR A 134 13.85 5.24 -15.29
CA THR A 134 14.63 4.17 -15.91
C THR A 134 15.38 3.39 -14.82
N LYS A 135 16.11 4.10 -13.93
CA LYS A 135 16.86 3.54 -12.79
C LYS A 135 15.91 2.72 -11.87
N LYS A 136 14.69 3.24 -11.61
CA LYS A 136 13.65 2.60 -10.80
C LYS A 136 13.15 1.32 -11.45
N VAL A 137 12.87 1.35 -12.76
CA VAL A 137 12.43 0.18 -13.54
C VAL A 137 13.55 -0.88 -13.53
N ARG A 138 14.82 -0.45 -13.76
CA ARG A 138 16.02 -1.29 -13.75
C ARG A 138 16.21 -1.98 -12.39
N THR A 139 16.30 -1.19 -11.29
CA THR A 139 16.47 -1.69 -9.92
C THR A 139 15.13 -2.20 -9.34
N ASN A 140 14.44 -3.07 -10.10
CA ASN A 140 13.17 -3.69 -9.76
C ASN A 140 13.05 -5.04 -10.48
N ALA A 141 13.40 -5.08 -11.79
CA ALA A 141 13.33 -6.28 -12.63
C ALA A 141 14.69 -6.96 -12.81
N ALA A 142 15.77 -6.19 -12.98
CA ALA A 142 17.13 -6.70 -13.18
C ALA A 142 17.79 -7.09 -11.86
N ASP A 154 8.59 -6.36 -16.19
CA ASP A 154 9.80 -6.88 -16.82
C ASP A 154 9.97 -6.34 -18.25
N SER A 155 8.89 -6.35 -19.06
CA SER A 155 8.89 -5.81 -20.43
C SER A 155 8.97 -4.28 -20.40
N ALA A 156 8.84 -3.70 -19.18
CA ALA A 156 8.96 -2.28 -18.88
C ALA A 156 10.41 -1.85 -19.07
N LYS A 157 11.37 -2.75 -18.77
CA LYS A 157 12.81 -2.54 -18.92
C LYS A 157 13.17 -2.45 -20.40
N ALA A 158 12.47 -3.22 -21.25
CA ALA A 158 12.67 -3.22 -22.71
C ALA A 158 12.17 -1.91 -23.30
N ALA A 159 10.99 -1.45 -22.83
CA ALA A 159 10.31 -0.22 -23.26
C ALA A 159 11.14 1.02 -22.87
N VAL A 160 11.69 1.02 -21.65
CA VAL A 160 12.52 2.10 -21.11
C VAL A 160 13.84 2.23 -21.90
N GLU A 161 14.33 1.09 -22.45
CA GLU A 161 15.53 0.98 -23.26
C GLU A 161 15.27 1.43 -24.71
N ASP A 162 13.99 1.39 -25.15
CA ASP A 162 13.57 1.81 -26.49
C ASP A 162 13.37 3.32 -26.53
N GLU A 163 14.04 3.98 -27.49
CA GLU A 163 13.95 5.42 -27.72
C GLU A 163 12.58 5.84 -28.27
N GLU A 164 11.90 4.92 -28.98
CA GLU A 164 10.58 5.17 -29.55
C GLU A 164 9.49 5.34 -28.48
N PHE A 165 9.71 4.76 -27.27
CA PHE A 165 8.81 4.89 -26.11
C PHE A 165 8.87 6.34 -25.60
N TRP A 166 10.10 6.87 -25.45
CA TRP A 166 10.36 8.21 -24.98
C TRP A 166 9.87 9.30 -25.94
N LYS A 167 9.83 8.98 -27.25
CA LYS A 167 9.30 9.88 -28.27
C LYS A 167 7.79 9.98 -28.15
N LEU A 168 7.12 8.85 -27.87
CA LEU A 168 5.66 8.81 -27.63
C LEU A 168 5.33 9.62 -26.37
N VAL A 169 6.18 9.52 -25.33
CA VAL A 169 6.10 10.25 -24.05
C VAL A 169 6.13 11.76 -24.33
N ASP A 170 7.13 12.21 -25.16
CA ASP A 170 7.29 13.62 -25.55
C ASP A 170 6.06 14.15 -26.28
N ARG A 171 5.50 13.32 -27.18
CA ARG A 171 4.29 13.63 -27.95
C ARG A 171 3.08 13.82 -26.99
N GLU A 172 2.91 12.89 -26.01
CA GLU A 172 1.84 12.99 -25.02
C GLU A 172 2.02 14.24 -24.15
N ARG A 173 3.24 14.49 -23.66
CA ARG A 173 3.56 15.69 -22.89
C ARG A 173 3.18 16.99 -23.61
N GLU A 174 3.45 17.09 -24.94
CA GLU A 174 3.08 18.28 -25.71
C GLU A 174 1.56 18.51 -25.72
N LEU A 175 0.77 17.42 -25.75
CA LEU A 175 -0.69 17.54 -25.63
C LEU A 175 -1.03 18.06 -24.22
N HIS A 176 -0.36 17.53 -23.15
CA HIS A 176 -0.58 17.96 -21.76
C HIS A 176 -0.30 19.43 -21.56
N LYS A 177 0.74 19.96 -22.25
CA LYS A 177 1.10 21.38 -22.21
C LYS A 177 0.03 22.24 -22.87
N LEU A 178 -0.74 21.65 -23.80
CA LEU A 178 -1.87 22.29 -24.50
C LEU A 178 -3.18 22.07 -23.74
N GLY A 179 -3.10 21.33 -22.62
CA GLY A 179 -4.25 21.01 -21.78
C GLY A 179 -5.08 19.90 -22.38
N LYS A 180 -4.43 18.98 -23.09
CA LYS A 180 -5.09 17.86 -23.77
C LYS A 180 -4.47 16.53 -23.40
N CYS A 181 -5.24 15.47 -23.54
CA CYS A 181 -4.76 14.13 -23.23
C CYS A 181 -5.26 13.19 -24.34
N GLY A 182 -4.36 12.37 -24.87
CA GLY A 182 -4.72 11.45 -25.94
C GLY A 182 -4.53 9.97 -25.65
N SER A 183 -3.72 9.63 -24.65
CA SER A 183 -3.42 8.22 -24.37
C SER A 183 -3.32 7.79 -22.89
N CYS A 184 -3.59 8.67 -21.92
CA CYS A 184 -3.46 8.31 -20.49
C CYS A 184 -4.73 7.70 -19.96
N VAL A 185 -4.76 6.37 -20.01
CA VAL A 185 -5.89 5.51 -19.65
C VAL A 185 -5.41 4.54 -18.55
N TYR A 186 -6.21 4.44 -17.48
CA TYR A 186 -5.95 3.58 -16.33
C TYR A 186 -6.65 2.22 -16.53
N ASN A 187 -5.95 1.12 -16.21
CA ASN A 187 -6.45 -0.25 -16.36
C ASN A 187 -6.77 -0.89 -14.99
N MET A 188 -8.00 -1.42 -14.84
CA MET A 188 -8.49 -2.07 -13.60
C MET A 188 -7.75 -3.36 -13.30
N SER A 205 -0.24 -4.78 -28.95
CA SER A 205 0.76 -5.61 -28.26
C SER A 205 1.73 -4.74 -27.46
N ARG A 206 2.47 -3.84 -28.15
CA ARG A 206 3.42 -2.93 -27.49
C ARG A 206 2.96 -1.47 -27.53
N ALA A 207 2.18 -1.07 -28.56
CA ALA A 207 1.66 0.30 -28.71
C ALA A 207 0.74 0.68 -27.55
N ILE A 208 -0.15 -0.25 -27.15
CA ILE A 208 -1.09 -0.11 -26.04
C ILE A 208 -0.36 -0.12 -24.69
N TRP A 209 0.68 -0.99 -24.55
CA TRP A 209 1.52 -1.12 -23.37
C TRP A 209 2.38 0.14 -23.15
N TYR A 210 2.98 0.69 -24.24
CA TYR A 210 3.82 1.89 -24.26
C TYR A 210 3.04 3.11 -23.79
N MET A 211 1.74 3.16 -24.15
CA MET A 211 0.77 4.19 -23.78
C MET A 211 0.48 4.16 -22.27
N TRP A 212 0.46 2.95 -21.65
CA TRP A 212 0.22 2.77 -20.22
C TRP A 212 1.44 3.21 -19.40
N LEU A 213 2.62 2.69 -19.76
CA LEU A 213 3.89 3.00 -19.09
C LEU A 213 4.28 4.48 -19.26
N GLY A 214 3.88 5.07 -20.39
CA GLY A 214 4.10 6.47 -20.72
C GLY A 214 3.22 7.37 -19.87
N VAL A 215 1.96 6.92 -19.63
CA VAL A 215 0.99 7.60 -18.76
C VAL A 215 1.54 7.66 -17.34
N ARG A 216 2.09 6.51 -16.87
CA ARG A 216 2.72 6.37 -15.54
C ARG A 216 3.99 7.19 -15.48
N TYR A 217 4.78 7.23 -16.58
CA TYR A 217 5.97 8.08 -16.57
C TYR A 217 5.59 9.57 -16.41
N LEU A 218 4.62 10.05 -17.19
CA LEU A 218 4.21 11.46 -17.12
C LEU A 218 3.67 11.83 -15.74
N GLU A 219 2.94 10.88 -15.11
CA GLU A 219 2.39 11.04 -13.78
C GLU A 219 3.57 11.09 -12.78
N PHE A 220 4.56 10.20 -12.98
CA PHE A 220 5.77 10.18 -12.17
C PHE A 220 6.57 11.48 -12.32
N GLU A 221 6.68 11.99 -13.56
CA GLU A 221 7.39 13.24 -13.88
C GLU A 221 6.80 14.41 -13.10
N ALA A 222 5.48 14.53 -13.12
CA ALA A 222 4.76 15.62 -12.45
C ALA A 222 4.56 15.45 -10.92
N LEU A 223 4.30 14.22 -10.45
CA LEU A 223 3.97 14.04 -9.03
C LEU A 223 4.89 13.13 -8.23
N GLY A 224 5.89 12.54 -8.89
CA GLY A 224 6.84 11.64 -8.26
C GLY A 224 7.64 12.21 -7.12
N PHE A 225 7.85 13.55 -7.12
CA PHE A 225 8.61 14.27 -6.06
C PHE A 225 8.06 13.99 -4.64
N LEU A 226 6.75 13.71 -4.51
CA LEU A 226 6.15 13.42 -3.20
C LEU A 226 6.79 12.20 -2.56
N ASN A 227 7.05 11.16 -3.36
CA ASN A 227 7.70 9.92 -2.91
C ASN A 227 9.22 10.06 -2.93
N GLU A 228 9.77 10.50 -4.09
CA GLU A 228 11.21 10.61 -4.35
C GLU A 228 11.92 11.53 -3.39
N ASP A 229 11.26 12.66 -3.03
CA ASP A 229 11.85 13.61 -2.08
C ASP A 229 11.28 13.47 -0.66
N HIS A 230 10.62 12.32 -0.39
CA HIS A 230 10.06 11.90 0.90
C HIS A 230 9.26 12.97 1.61
N TRP A 231 8.22 13.52 0.92
CA TRP A 231 7.38 14.55 1.51
C TRP A 231 6.61 14.07 2.73
N PHE A 232 6.34 12.75 2.78
CA PHE A 232 5.58 12.10 3.84
C PHE A 232 6.47 11.28 4.78
N SER A 233 7.75 11.65 4.86
CA SER A 233 8.68 11.07 5.84
C SER A 233 8.15 11.60 7.20
N ARG A 234 8.54 10.98 8.33
CA ARG A 234 8.06 11.44 9.65
C ARG A 234 8.66 12.80 10.02
N GLU A 235 9.92 13.04 9.61
CA GLU A 235 10.57 14.32 9.91
C GLU A 235 9.86 15.44 9.16
N ASN A 236 9.49 15.21 7.89
CA ASN A 236 8.84 16.26 7.12
C ASN A 236 7.36 16.43 7.39
N SER A 237 6.61 15.33 7.59
CA SER A 237 5.15 15.42 7.72
C SER A 237 4.60 15.30 9.14
N TYR A 238 5.43 14.87 10.14
CA TYR A 238 5.05 14.63 11.55
C TYR A 238 4.21 13.36 11.74
N SER A 239 3.10 13.22 10.98
CA SER A 239 2.21 12.06 11.05
C SER A 239 2.69 10.92 10.15
N GLY A 240 3.38 11.28 9.08
CA GLY A 240 3.83 10.33 8.06
C GLY A 240 4.82 9.30 8.54
N VAL A 241 5.00 8.23 7.77
CA VAL A 241 5.89 7.12 8.10
C VAL A 241 6.61 6.61 6.82
N GLU A 242 6.61 7.41 5.76
CA GLU A 242 7.22 7.03 4.48
C GLU A 242 8.74 6.88 4.60
N GLY A 243 9.24 5.74 4.13
CA GLY A 243 10.66 5.40 4.21
C GLY A 243 11.07 4.84 5.56
N GLU A 244 10.14 4.76 6.55
CA GLU A 244 10.53 4.26 7.88
C GLU A 244 10.81 2.76 7.88
N GLY A 245 9.95 1.98 7.24
CA GLY A 245 10.14 0.54 7.20
C GLY A 245 9.32 -0.12 8.28
N LEU A 246 8.85 -1.34 8.04
CA LEU A 246 7.98 -2.08 8.96
C LEU A 246 8.57 -2.18 10.39
N HIS A 247 9.86 -2.53 10.50
CA HIS A 247 10.57 -2.69 11.79
C HIS A 247 10.60 -1.41 12.65
N LYS A 248 10.30 -0.24 12.03
CA LYS A 248 10.27 1.04 12.75
C LYS A 248 8.87 1.44 13.20
N LEU A 249 7.83 0.93 12.52
CA LEU A 249 6.43 1.31 12.78
C LEU A 249 5.98 1.02 14.22
N GLY A 250 6.42 -0.09 14.81
CA GLY A 250 6.06 -0.40 16.19
C GLY A 250 6.66 0.57 17.17
N TYR A 251 7.96 0.87 17.00
CA TYR A 251 8.68 1.88 17.79
C TYR A 251 8.00 3.24 17.70
N ILE A 252 7.49 3.63 16.50
CA ILE A 252 6.76 4.91 16.30
C ILE A 252 5.46 4.88 17.12
N LEU A 253 4.70 3.75 17.05
CA LEU A 253 3.46 3.57 17.83
C LEU A 253 3.74 3.63 19.33
N ARG A 254 4.90 3.06 19.77
CA ARG A 254 5.27 3.15 21.19
C ARG A 254 5.61 4.59 21.58
N ASP A 255 6.25 5.38 20.68
CA ASP A 255 6.53 6.80 20.95
C ASP A 255 5.25 7.63 21.06
N ILE A 256 4.27 7.40 20.18
CA ILE A 256 2.95 8.06 20.22
C ILE A 256 2.25 7.74 21.56
N SER A 257 2.37 6.49 22.07
CA SER A 257 1.75 6.09 23.35
C SER A 257 2.23 6.92 24.57
N LYS A 258 3.42 7.55 24.49
CA LYS A 258 4.02 8.37 25.56
C LYS A 258 3.43 9.78 25.58
N ILE A 259 2.71 10.16 24.52
CA ILE A 259 2.12 11.48 24.42
C ILE A 259 0.88 11.52 25.30
N PRO A 260 0.77 12.50 26.23
CA PRO A 260 -0.45 12.56 27.07
C PRO A 260 -1.70 12.80 26.23
N GLY A 261 -2.76 12.08 26.56
CA GLY A 261 -4.07 12.17 25.91
C GLY A 261 -4.98 10.99 26.19
N GLY A 262 -5.92 10.77 25.28
CA GLY A 262 -6.89 9.68 25.37
C GLY A 262 -6.32 8.42 24.78
N ALA A 263 -7.19 7.47 24.45
CA ALA A 263 -6.80 6.19 23.86
C ALA A 263 -6.22 6.40 22.43
N MET A 264 -5.69 5.33 21.84
CA MET A 264 -5.16 5.34 20.48
C MET A 264 -6.21 4.68 19.61
N TYR A 265 -6.68 5.42 18.61
CA TYR A 265 -7.73 5.04 17.68
C TYR A 265 -7.13 4.71 16.34
N ALA A 266 -7.63 3.64 15.72
CA ALA A 266 -7.15 3.19 14.42
C ALA A 266 -8.38 2.71 13.63
N ASP A 267 -9.24 3.65 13.23
CA ASP A 267 -10.43 3.31 12.46
C ASP A 267 -10.16 3.06 11.02
N ASP A 268 -10.73 1.98 10.52
CA ASP A 268 -10.66 1.53 9.14
C ASP A 268 -11.76 2.22 8.32
N THR A 269 -11.42 2.80 7.16
CA THR A 269 -12.38 3.41 6.23
C THR A 269 -12.85 2.33 5.27
N ALA A 270 -14.18 2.25 5.00
CA ALA A 270 -14.72 1.30 4.03
C ALA A 270 -14.35 1.81 2.62
N GLY A 271 -13.43 1.11 1.96
CA GLY A 271 -12.96 1.43 0.61
C GLY A 271 -12.59 2.89 0.42
N TRP A 272 -11.52 3.34 1.10
CA TRP A 272 -10.98 4.71 1.05
C TRP A 272 -10.93 5.33 -0.35
N ASP A 273 -10.37 4.61 -1.34
CA ASP A 273 -10.19 5.10 -2.71
C ASP A 273 -11.47 5.51 -3.38
N THR A 274 -12.59 4.83 -3.04
CA THR A 274 -13.91 5.16 -3.59
C THR A 274 -14.51 6.36 -2.84
N ARG A 275 -13.91 6.76 -1.71
CA ARG A 275 -14.44 7.85 -0.90
C ARG A 275 -13.72 9.16 -1.13
N ILE A 276 -12.77 9.19 -2.07
CA ILE A 276 -12.08 10.42 -2.42
C ILE A 276 -13.05 11.30 -3.26
N THR A 277 -13.49 12.41 -2.69
CA THR A 277 -14.46 13.28 -3.34
C THR A 277 -13.81 14.27 -4.33
N GLU A 278 -14.65 14.97 -5.14
CA GLU A 278 -14.20 16.03 -6.04
C GLU A 278 -13.64 17.16 -5.17
N ASP A 279 -14.21 17.37 -3.99
CA ASP A 279 -13.68 18.36 -3.03
C ASP A 279 -12.30 17.94 -2.51
N ASP A 280 -12.05 16.61 -2.28
CA ASP A 280 -10.73 16.13 -1.85
C ASP A 280 -9.70 16.41 -2.95
N LEU A 281 -10.02 16.02 -4.20
CA LEU A 281 -9.17 16.22 -5.40
C LEU A 281 -8.79 17.67 -5.61
N HIS A 282 -9.74 18.60 -5.39
CA HIS A 282 -9.44 20.00 -5.56
CA HIS A 282 -9.55 20.05 -5.50
C HIS A 282 -8.55 20.52 -4.44
N ASN A 283 -8.65 19.93 -3.22
CA ASN A 283 -7.79 20.26 -2.10
C ASN A 283 -6.37 19.72 -2.31
N GLU A 284 -6.26 18.51 -2.90
CA GLU A 284 -4.99 17.87 -3.16
C GLU A 284 -4.19 18.69 -4.19
N GLU A 285 -4.91 19.28 -5.16
CA GLU A 285 -4.38 20.09 -6.26
C GLU A 285 -3.60 21.31 -5.81
N LYS A 286 -3.90 21.87 -4.63
CA LYS A 286 -3.26 23.07 -4.06
C LYS A 286 -1.73 22.98 -3.97
N ILE A 287 -1.15 21.78 -4.12
CA ILE A 287 0.29 21.58 -4.13
C ILE A 287 0.91 22.31 -5.35
N ILE A 288 0.18 22.39 -6.47
CA ILE A 288 0.65 23.05 -7.70
C ILE A 288 1.05 24.54 -7.46
N GLN A 289 0.51 25.18 -6.41
CA GLN A 289 0.80 26.58 -6.05
C GLN A 289 2.26 26.81 -5.60
N GLN A 290 2.96 25.72 -5.20
CA GLN A 290 4.37 25.78 -4.74
C GLN A 290 5.36 25.40 -5.85
N MET A 291 4.83 25.05 -7.03
CA MET A 291 5.66 24.60 -8.14
C MET A 291 6.14 25.72 -9.04
N ASP A 292 7.26 25.47 -9.75
CA ASP A 292 7.81 26.36 -10.77
C ASP A 292 6.83 26.32 -11.96
N PRO A 293 6.74 27.37 -12.80
CA PRO A 293 5.73 27.37 -13.88
C PRO A 293 5.74 26.17 -14.83
N GLU A 294 6.93 25.67 -15.22
CA GLU A 294 7.01 24.52 -16.12
C GLU A 294 6.54 23.22 -15.39
N HIS A 295 6.77 23.14 -14.06
CA HIS A 295 6.32 21.97 -13.28
C HIS A 295 4.79 22.07 -13.06
N ARG A 296 4.32 23.25 -12.60
CA ARG A 296 2.90 23.55 -12.39
C ARG A 296 2.02 23.17 -13.60
N GLN A 297 2.47 23.50 -14.83
CA GLN A 297 1.76 23.22 -16.07
C GLN A 297 1.52 21.72 -16.27
N LEU A 298 2.55 20.90 -16.01
CA LEU A 298 2.47 19.45 -16.17
C LEU A 298 1.69 18.78 -15.04
N ALA A 299 1.86 19.27 -13.78
CA ALA A 299 1.15 18.72 -12.63
C ALA A 299 -0.33 19.03 -12.74
N ASN A 300 -0.63 20.27 -13.17
CA ASN A 300 -2.02 20.72 -13.41
C ASN A 300 -2.69 19.81 -14.45
N ALA A 301 -1.93 19.36 -15.47
CA ALA A 301 -2.41 18.47 -16.52
C ALA A 301 -2.70 17.08 -15.97
N ILE A 302 -1.86 16.55 -15.06
CA ILE A 302 -2.14 15.25 -14.44
C ILE A 302 -3.43 15.34 -13.59
N PHE A 303 -3.57 16.41 -12.78
CA PHE A 303 -4.72 16.63 -11.90
C PHE A 303 -6.02 16.79 -12.65
N LYS A 304 -6.09 17.71 -13.60
CA LYS A 304 -7.30 18.01 -14.35
C LYS A 304 -7.71 16.95 -15.37
N LEU A 305 -6.73 16.25 -16.02
CA LEU A 305 -7.02 15.29 -17.07
C LEU A 305 -7.01 13.83 -16.69
N THR A 306 -6.21 13.42 -15.67
CA THR A 306 -6.12 12.00 -15.31
C THR A 306 -6.62 11.70 -13.88
N TYR A 307 -6.85 12.73 -13.05
CA TYR A 307 -7.36 12.53 -11.67
C TYR A 307 -8.81 13.01 -11.51
N GLN A 308 -9.07 14.26 -11.92
CA GLN A 308 -10.38 14.93 -11.85
C GLN A 308 -11.32 14.56 -13.00
N ASN A 309 -10.78 13.83 -13.97
CA ASN A 309 -11.41 13.23 -15.14
C ASN A 309 -10.55 12.02 -15.36
N LYS A 310 -11.14 10.89 -15.72
CA LYS A 310 -10.36 9.68 -15.97
C LYS A 310 -11.07 8.74 -16.91
N VAL A 311 -10.30 8.01 -17.73
CA VAL A 311 -10.78 7.03 -18.69
C VAL A 311 -10.21 5.69 -18.19
N VAL A 312 -11.11 4.72 -18.00
CA VAL A 312 -10.75 3.42 -17.41
C VAL A 312 -11.16 2.25 -18.33
N LYS A 313 -10.30 1.23 -18.40
CA LYS A 313 -10.49 -0.04 -19.09
C LYS A 313 -10.76 -1.10 -18.03
N VAL A 314 -11.85 -1.86 -18.19
CA VAL A 314 -12.23 -2.95 -17.27
C VAL A 314 -12.78 -4.13 -18.07
N GLN A 315 -12.22 -5.33 -17.83
CA GLN A 315 -12.64 -6.58 -18.49
C GLN A 315 -13.98 -7.06 -17.96
N ARG A 316 -14.81 -7.63 -18.85
CA ARG A 316 -16.14 -8.14 -18.49
C ARG A 316 -16.54 -9.37 -19.33
N PRO A 317 -16.99 -10.48 -18.67
CA PRO A 317 -17.44 -11.63 -19.47
C PRO A 317 -18.86 -11.44 -19.98
N THR A 318 -19.11 -11.93 -21.19
CA THR A 318 -20.40 -11.88 -21.90
C THR A 318 -20.73 -13.31 -22.41
N PRO A 319 -21.99 -13.65 -22.82
CA PRO A 319 -22.23 -15.01 -23.36
C PRO A 319 -21.36 -15.31 -24.60
N THR A 320 -21.10 -14.27 -25.43
CA THR A 320 -20.26 -14.35 -26.63
C THR A 320 -18.75 -14.50 -26.33
N GLY A 321 -18.30 -14.08 -25.13
CA GLY A 321 -16.90 -14.17 -24.71
C GLY A 321 -16.47 -13.18 -23.64
N THR A 322 -15.45 -12.36 -23.95
CA THR A 322 -14.89 -11.36 -23.04
C THR A 322 -14.71 -10.02 -23.77
N VAL A 323 -15.15 -8.93 -23.13
CA VAL A 323 -15.04 -7.57 -23.66
C VAL A 323 -14.30 -6.66 -22.69
N MET A 324 -13.73 -5.56 -23.21
CA MET A 324 -13.06 -4.52 -22.44
C MET A 324 -14.01 -3.33 -22.50
N ASP A 325 -14.37 -2.80 -21.32
CA ASP A 325 -15.30 -1.67 -21.21
C ASP A 325 -14.55 -0.39 -21.00
N ILE A 326 -15.01 0.68 -21.67
CA ILE A 326 -14.44 2.02 -21.55
C ILE A 326 -15.38 2.86 -20.70
N ILE A 327 -14.95 3.14 -19.46
CA ILE A 327 -15.77 3.90 -18.51
C ILE A 327 -15.05 5.16 -18.04
N SER A 328 -15.79 6.11 -17.46
CA SER A 328 -15.23 7.36 -16.99
C SER A 328 -15.97 7.93 -15.78
N ARG A 329 -15.27 8.73 -14.94
CA ARG A 329 -15.87 9.46 -13.80
C ARG A 329 -14.99 10.62 -13.34
N LYS A 330 -15.56 11.54 -12.54
CA LYS A 330 -14.84 12.72 -12.09
C LYS A 330 -14.21 12.60 -10.69
N ASP A 331 -14.64 11.64 -9.86
CA ASP A 331 -14.03 11.50 -8.53
C ASP A 331 -13.48 10.11 -8.29
N GLN A 332 -13.15 9.79 -7.03
CA GLN A 332 -12.51 8.55 -6.61
C GLN A 332 -11.03 8.57 -7.01
N ARG A 333 -10.25 7.66 -6.44
CA ARG A 333 -8.83 7.52 -6.68
C ARG A 333 -8.54 6.30 -7.51
N GLY A 334 -7.69 6.46 -8.53
CA GLY A 334 -7.18 5.36 -9.34
C GLY A 334 -6.14 4.66 -8.50
N SER A 335 -6.47 3.47 -7.98
CA SER A 335 -5.62 2.68 -7.07
C SER A 335 -4.20 2.36 -7.59
N GLY A 336 -4.05 2.19 -8.90
CA GLY A 336 -2.77 1.86 -9.51
C GLY A 336 -2.01 3.05 -10.08
N GLN A 337 -2.03 4.19 -9.36
CA GLN A 337 -1.35 5.42 -9.76
C GLN A 337 -0.17 5.78 -8.84
N VAL A 338 0.80 6.55 -9.36
CA VAL A 338 2.02 7.03 -8.69
C VAL A 338 1.70 7.90 -7.44
N GLY A 339 0.81 8.87 -7.60
CA GLY A 339 0.46 9.81 -6.53
C GLY A 339 -0.51 9.32 -5.48
N THR A 340 -1.08 8.12 -5.66
CA THR A 340 -2.12 7.51 -4.81
C THR A 340 -1.73 7.46 -3.34
N TYR A 341 -0.59 6.84 -3.02
CA TYR A 341 -0.14 6.69 -1.64
C TYR A 341 -0.02 8.03 -0.95
N GLY A 342 0.74 8.94 -1.58
CA GLY A 342 1.02 10.27 -1.04
C GLY A 342 -0.20 11.12 -0.87
N LEU A 343 -1.08 11.14 -1.90
CA LEU A 343 -2.29 11.94 -1.82
C LEU A 343 -3.34 11.34 -0.86
N ASN A 344 -3.34 9.99 -0.66
CA ASN A 344 -4.21 9.37 0.34
C ASN A 344 -3.67 9.73 1.71
N THR A 345 -2.32 9.77 1.86
CA THR A 345 -1.67 10.15 3.13
C THR A 345 -2.06 11.57 3.48
N PHE A 346 -1.93 12.50 2.50
CA PHE A 346 -2.26 13.91 2.65
C PHE A 346 -3.69 14.09 3.14
N THR A 347 -4.67 13.58 2.39
CA THR A 347 -6.11 13.70 2.66
C THR A 347 -6.48 13.05 4.00
N ASN A 348 -5.89 11.89 4.34
CA ASN A 348 -6.13 11.25 5.65
C ASN A 348 -5.58 12.12 6.81
N MET A 349 -4.39 12.74 6.65
CA MET A 349 -3.80 13.65 7.66
C MET A 349 -4.74 14.82 7.89
N GLU A 350 -5.24 15.42 6.80
CA GLU A 350 -6.22 16.49 6.83
C GLU A 350 -7.52 16.03 7.52
N ALA A 351 -8.08 14.88 7.11
CA ALA A 351 -9.33 14.34 7.68
C ALA A 351 -9.23 14.10 9.21
N GLN A 352 -8.09 13.55 9.67
CA GLN A 352 -7.88 13.28 11.10
C GLN A 352 -7.68 14.55 11.90
N LEU A 353 -7.08 15.59 11.30
CA LEU A 353 -6.94 16.89 12.00
C LEU A 353 -8.31 17.48 12.21
N VAL A 354 -9.17 17.40 11.16
CA VAL A 354 -10.57 17.84 11.20
C VAL A 354 -11.34 17.05 12.31
N ARG A 355 -11.13 15.72 12.39
CA ARG A 355 -11.81 14.92 13.43
C ARG A 355 -11.31 15.31 14.82
N GLN A 356 -9.99 15.58 14.94
CA GLN A 356 -9.40 16.04 16.19
C GLN A 356 -10.01 17.39 16.61
N MET A 357 -10.21 18.34 15.65
CA MET A 357 -10.86 19.66 15.89
C MET A 357 -12.28 19.48 16.45
N GLU A 358 -13.08 18.58 15.84
CA GLU A 358 -14.44 18.28 16.31
C GLU A 358 -14.42 17.75 17.74
N GLY A 359 -13.50 16.81 18.01
CA GLY A 359 -13.34 16.23 19.34
C GLY A 359 -13.12 17.28 20.41
N GLU A 360 -12.31 18.31 20.09
CA GLU A 360 -11.97 19.40 21.00
C GLU A 360 -13.03 20.52 21.09
N GLY A 361 -14.13 20.36 20.37
CA GLY A 361 -15.21 21.33 20.38
C GLY A 361 -15.00 22.52 19.48
N VAL A 362 -13.88 22.54 18.72
CA VAL A 362 -13.55 23.59 17.75
C VAL A 362 -14.59 23.60 16.63
N LEU A 363 -15.04 22.42 16.20
CA LEU A 363 -16.05 22.30 15.15
C LEU A 363 -17.32 21.69 15.68
N THR A 364 -18.43 22.42 15.53
CA THR A 364 -19.76 21.96 15.94
C THR A 364 -20.52 21.46 14.71
N LYS A 365 -21.70 20.87 14.95
CA LYS A 365 -22.65 20.46 13.91
C LYS A 365 -23.08 21.71 13.12
N ALA A 366 -23.36 22.84 13.82
CA ALA A 366 -23.78 24.10 13.19
C ALA A 366 -22.68 24.63 12.26
N ASP A 367 -21.40 24.51 12.66
CA ASP A 367 -20.24 24.92 11.85
C ASP A 367 -20.18 24.15 10.53
N LEU A 368 -20.40 22.82 10.56
CA LEU A 368 -20.33 21.99 9.36
C LEU A 368 -21.40 22.32 8.35
N GLU A 369 -22.56 22.75 8.84
CA GLU A 369 -23.68 23.08 7.95
C GLU A 369 -23.61 24.51 7.42
N ASN A 370 -22.78 25.35 8.07
CA ASN A 370 -22.67 26.78 7.81
C ASN A 370 -21.81 27.14 6.59
N PRO A 371 -22.42 27.74 5.54
CA PRO A 371 -21.63 28.18 4.39
C PRO A 371 -20.77 29.40 4.68
N HIS A 372 -21.03 30.13 5.79
CA HIS A 372 -20.33 31.35 6.22
C HIS A 372 -19.56 31.14 7.52
N LEU A 373 -19.12 29.90 7.75
CA LEU A 373 -18.31 29.46 8.88
C LEU A 373 -17.07 30.37 9.06
N LEU A 374 -16.86 30.85 10.31
CA LEU A 374 -15.74 31.71 10.69
C LEU A 374 -14.42 30.94 10.57
N GLU A 375 -13.51 31.45 9.72
CA GLU A 375 -12.18 30.89 9.48
C GLU A 375 -11.26 30.99 10.68
N LYS A 376 -11.31 32.13 11.41
CA LYS A 376 -10.42 32.48 12.55
C LYS A 376 -10.06 31.32 13.50
N LYS A 377 -11.06 30.68 14.17
CA LYS A 377 -10.81 29.61 15.14
C LYS A 377 -10.18 28.37 14.53
N ILE A 378 -10.36 28.14 13.21
CA ILE A 378 -9.77 26.99 12.52
C ILE A 378 -8.29 27.28 12.29
N THR A 379 -7.99 28.49 11.74
CA THR A 379 -6.64 28.99 11.51
C THR A 379 -5.86 29.09 12.83
N GLN A 380 -6.51 29.60 13.89
CA GLN A 380 -5.90 29.72 15.22
C GLN A 380 -5.48 28.35 15.75
N TRP A 381 -6.39 27.35 15.68
CA TRP A 381 -6.14 25.98 16.14
C TRP A 381 -5.01 25.36 15.32
N LEU A 382 -5.01 25.56 14.01
CA LEU A 382 -3.97 25.02 13.13
C LEU A 382 -2.57 25.63 13.41
N GLU A 383 -2.52 26.95 13.57
CA GLU A 383 -1.28 27.67 13.82
C GLU A 383 -0.74 27.46 15.22
N THR A 384 -1.61 27.22 16.22
CA THR A 384 -1.15 27.02 17.59
C THR A 384 -0.99 25.55 18.01
N LYS A 385 -1.81 24.64 17.46
CA LYS A 385 -1.86 23.22 17.86
C LYS A 385 -1.58 22.20 16.78
N GLY A 386 -1.73 22.61 15.51
CA GLY A 386 -1.59 21.79 14.31
C GLY A 386 -0.46 20.79 14.28
N VAL A 387 0.78 21.27 14.46
CA VAL A 387 1.97 20.44 14.44
C VAL A 387 1.99 19.47 15.65
N GLU A 388 1.58 19.93 16.84
CA GLU A 388 1.52 19.06 18.02
C GLU A 388 0.49 17.96 17.73
N ARG A 389 -0.66 18.31 17.11
CA ARG A 389 -1.74 17.38 16.77
C ARG A 389 -1.34 16.35 15.69
N LEU A 390 -0.49 16.76 14.74
CA LEU A 390 0.04 15.88 13.69
C LEU A 390 0.97 14.82 14.30
N LYS A 391 1.76 15.21 15.32
CA LYS A 391 2.69 14.32 16.03
C LYS A 391 1.99 13.19 16.80
N ARG A 392 0.67 13.30 17.05
CA ARG A 392 -0.15 12.33 17.77
C ARG A 392 -0.63 11.23 16.81
N MET A 393 -0.13 11.22 15.58
CA MET A 393 -0.64 10.33 14.54
C MET A 393 0.41 9.61 13.80
N ALA A 394 0.06 8.45 13.26
CA ALA A 394 0.89 7.65 12.36
C ALA A 394 -0.07 7.40 11.21
N ILE A 395 0.25 7.95 10.00
CA ILE A 395 -0.66 7.87 8.87
C ILE A 395 0.05 7.35 7.65
N SER A 396 -0.47 6.26 7.07
CA SER A 396 0.10 5.64 5.88
C SER A 396 -1.05 5.36 4.92
N GLY A 397 -1.26 6.27 3.98
CA GLY A 397 -2.37 6.19 3.04
C GLY A 397 -3.68 6.24 3.84
N ASP A 398 -4.51 5.24 3.68
CA ASP A 398 -5.79 5.16 4.42
C ASP A 398 -5.66 4.65 5.87
N ASP A 399 -4.47 4.08 6.21
CA ASP A 399 -4.20 3.56 7.55
C ASP A 399 -3.83 4.71 8.47
N CYS A 400 -4.50 4.82 9.60
CA CYS A 400 -4.22 5.86 10.60
C CYS A 400 -4.31 5.33 12.01
N VAL A 401 -3.49 5.92 12.88
CA VAL A 401 -3.47 5.72 14.32
C VAL A 401 -3.50 7.15 14.86
N VAL A 402 -4.44 7.47 15.73
CA VAL A 402 -4.55 8.84 16.25
C VAL A 402 -4.65 8.76 17.76
N LYS A 403 -3.83 9.57 18.48
CA LYS A 403 -3.93 9.62 19.94
C LYS A 403 -4.38 11.04 20.30
N PRO A 404 -5.72 11.28 20.31
CA PRO A 404 -6.23 12.64 20.58
C PRO A 404 -5.95 13.12 22.00
N ILE A 405 -6.21 14.39 22.30
CA ILE A 405 -5.93 14.95 23.64
C ILE A 405 -6.84 14.35 24.73
N ASP A 406 -7.96 13.70 24.31
CA ASP A 406 -8.91 13.04 25.21
C ASP A 406 -9.82 12.09 24.41
N ASP A 407 -10.83 11.48 25.03
CA ASP A 407 -11.65 10.53 24.33
C ASP A 407 -12.92 11.12 23.72
N ARG A 408 -13.06 12.47 23.68
CA ARG A 408 -14.22 13.09 23.02
C ARG A 408 -14.22 12.70 21.53
N PHE A 409 -13.00 12.46 20.97
CA PHE A 409 -12.71 11.98 19.61
C PHE A 409 -13.52 10.73 19.23
N ALA A 410 -13.66 9.78 20.18
CA ALA A 410 -14.41 8.55 20.00
C ALA A 410 -15.81 8.83 19.42
N ASN A 411 -16.45 9.91 19.89
CA ASN A 411 -17.78 10.31 19.45
C ASN A 411 -17.80 11.45 18.45
N ALA A 412 -16.64 11.96 18.02
CA ALA A 412 -16.57 13.07 17.06
C ALA A 412 -16.63 12.44 15.67
N LEU A 413 -17.84 12.23 15.17
CA LEU A 413 -18.09 11.52 13.90
C LEU A 413 -18.79 12.33 12.84
N LEU A 414 -19.19 13.57 13.16
CA LEU A 414 -19.98 14.38 12.22
C LEU A 414 -19.17 14.74 10.98
N ALA A 415 -17.97 15.34 11.17
CA ALA A 415 -17.10 15.73 10.07
C ALA A 415 -16.56 14.50 9.33
N LEU A 416 -16.12 13.45 10.05
CA LEU A 416 -15.59 12.19 9.45
C LEU A 416 -16.58 11.56 8.46
N ASN A 417 -17.85 11.36 8.90
CA ASN A 417 -18.88 10.80 8.02
C ASN A 417 -19.19 11.77 6.89
N ASP A 418 -19.28 13.07 7.21
CA ASP A 418 -19.63 14.09 6.22
C ASP A 418 -18.57 14.25 5.09
N MET A 419 -17.28 14.09 5.42
CA MET A 419 -16.20 14.14 4.44
C MET A 419 -16.25 12.91 3.53
N GLY A 420 -17.06 11.92 3.92
CA GLY A 420 -17.26 10.68 3.17
C GLY A 420 -16.40 9.55 3.68
N LYS A 421 -15.64 9.77 4.76
CA LYS A 421 -14.75 8.74 5.26
C LYS A 421 -15.45 7.84 6.32
N VAL A 422 -16.51 7.17 5.86
CA VAL A 422 -17.34 6.27 6.67
C VAL A 422 -16.53 5.04 7.11
N ARG A 423 -16.51 4.80 8.41
CA ARG A 423 -15.77 3.67 8.99
C ARG A 423 -16.39 2.36 8.55
N LYS A 424 -15.55 1.35 8.32
CA LYS A 424 -15.95 0.02 7.85
C LYS A 424 -16.63 -0.79 8.97
N ASP A 425 -17.74 -1.49 8.64
CA ASP A 425 -18.46 -2.46 9.51
C ASP A 425 -18.82 -1.97 10.94
N ILE A 426 -19.46 -0.83 11.03
CA ILE A 426 -19.90 -0.24 12.30
C ILE A 426 -21.01 0.74 11.95
N PRO A 427 -22.13 0.85 12.72
CA PRO A 427 -23.15 1.85 12.38
C PRO A 427 -22.49 3.24 12.35
N GLN A 428 -22.94 4.10 11.45
CA GLN A 428 -22.38 5.45 11.26
C GLN A 428 -22.13 6.21 12.55
N TRP A 429 -23.06 6.13 13.51
CA TRP A 429 -23.00 6.94 14.73
C TRP A 429 -22.58 6.19 15.99
N GLN A 430 -22.18 4.92 15.88
CA GLN A 430 -21.64 4.18 17.03
C GLN A 430 -20.20 4.72 17.34
N PRO A 431 -19.92 5.14 18.59
CA PRO A 431 -18.57 5.67 18.91
C PRO A 431 -17.45 4.68 18.57
N SER A 432 -16.30 5.21 18.16
CA SER A 432 -15.14 4.38 17.87
C SER A 432 -14.63 3.79 19.16
N LYS A 433 -14.08 2.60 19.06
CA LYS A 433 -13.43 1.95 20.19
C LYS A 433 -11.92 2.14 19.98
N GLY A 434 -11.26 2.75 20.94
CA GLY A 434 -9.82 2.94 20.95
C GLY A 434 -9.13 1.97 21.89
N TRP A 435 -7.79 1.99 21.90
CA TRP A 435 -6.93 1.12 22.71
C TRP A 435 -6.08 1.89 23.68
N HIS A 436 -5.92 1.31 24.88
CA HIS A 436 -5.07 1.90 25.90
C HIS A 436 -3.69 1.24 25.92
N ASP A 437 -3.47 0.21 25.10
CA ASP A 437 -2.16 -0.47 24.95
C ASP A 437 -1.80 -0.41 23.46
N TRP A 438 -0.74 0.36 23.12
CA TRP A 438 -0.25 0.52 21.74
C TRP A 438 0.02 -0.83 21.08
N GLN A 439 0.29 -1.86 21.88
CA GLN A 439 0.57 -3.22 21.40
C GLN A 439 -0.67 -3.91 20.84
N GLN A 440 -1.86 -3.34 21.12
CA GLN A 440 -3.10 -3.91 20.58
C GLN A 440 -3.51 -3.20 19.30
N VAL A 441 -2.94 -2.03 19.04
CA VAL A 441 -3.30 -1.17 17.90
C VAL A 441 -2.98 -1.80 16.54
N PRO A 442 -4.00 -1.95 15.64
CA PRO A 442 -3.70 -2.45 14.28
C PRO A 442 -3.23 -1.29 13.41
N PHE A 443 -2.20 -1.53 12.59
CA PHE A 443 -1.66 -0.54 11.69
C PHE A 443 -0.89 -1.23 10.61
N CYS A 444 -1.20 -0.92 9.34
CA CYS A 444 -0.52 -1.45 8.16
C CYS A 444 -0.50 -3.01 8.15
N SER A 445 -1.66 -3.62 8.47
CA SER A 445 -1.90 -5.07 8.50
C SER A 445 -1.17 -5.80 9.65
N HIS A 446 -0.59 -5.03 10.59
CA HIS A 446 0.17 -5.60 11.69
C HIS A 446 -0.24 -5.03 13.04
N HIS A 447 0.29 -5.66 14.10
CA HIS A 447 0.27 -5.15 15.48
C HIS A 447 1.73 -5.38 15.89
N PHE A 448 2.15 -4.78 17.01
CA PHE A 448 3.56 -4.80 17.39
C PHE A 448 3.75 -5.18 18.85
N HIS A 449 4.72 -6.06 19.12
CA HIS A 449 5.00 -6.55 20.46
C HIS A 449 6.33 -6.03 20.94
N GLU A 450 6.41 -5.69 22.24
CA GLU A 450 7.65 -5.31 22.89
C GLU A 450 8.20 -6.60 23.51
N LEU A 451 9.44 -6.98 23.15
CA LEU A 451 10.12 -8.17 23.64
C LEU A 451 11.31 -7.79 24.47
N ILE A 452 11.59 -8.60 25.47
CA ILE A 452 12.75 -8.41 26.33
C ILE A 452 13.74 -9.48 25.94
N MET A 453 14.94 -9.04 25.53
CA MET A 453 16.01 -9.95 25.15
C MET A 453 16.67 -10.53 26.42
N LYS A 454 17.39 -11.66 26.29
CA LYS A 454 18.12 -12.28 27.40
C LYS A 454 19.08 -11.30 28.13
N ASP A 455 19.63 -10.28 27.41
CA ASP A 455 20.54 -9.29 27.98
C ASP A 455 19.83 -8.05 28.55
N GLY A 456 18.49 -8.11 28.65
CA GLY A 456 17.70 -7.01 29.20
C GLY A 456 17.31 -5.93 28.21
N ARG A 457 17.87 -5.95 27.00
CA ARG A 457 17.49 -4.93 26.01
C ARG A 457 16.09 -5.20 25.47
N LYS A 458 15.37 -4.15 25.06
CA LYS A 458 14.04 -4.31 24.51
C LYS A 458 14.01 -4.17 23.00
N LEU A 459 13.17 -4.97 22.34
CA LEU A 459 12.94 -4.93 20.90
C LEU A 459 11.44 -4.65 20.68
N VAL A 460 11.08 -3.91 19.65
CA VAL A 460 9.68 -3.71 19.30
C VAL A 460 9.53 -4.36 17.93
N VAL A 461 8.73 -5.43 17.85
CA VAL A 461 8.63 -6.26 16.66
C VAL A 461 7.28 -6.24 15.95
N PRO A 462 7.29 -6.44 14.61
CA PRO A 462 6.02 -6.53 13.88
C PRO A 462 5.44 -7.92 13.93
N CYS A 463 4.10 -8.01 13.95
CA CYS A 463 3.46 -9.31 14.03
C CYS A 463 2.07 -9.29 13.37
N ARG A 464 1.60 -10.45 12.92
CA ARG A 464 0.27 -10.58 12.33
C ARG A 464 -0.19 -12.03 12.52
N PRO A 465 -1.49 -12.40 12.32
CA PRO A 465 -1.88 -13.82 12.47
C PRO A 465 -1.01 -14.68 11.57
N GLN A 466 -0.38 -15.71 12.16
CA GLN A 466 0.61 -16.56 11.47
C GLN A 466 0.11 -17.19 10.17
N ASP A 467 -1.18 -17.59 10.11
CA ASP A 467 -1.76 -18.20 8.91
C ASP A 467 -1.66 -17.27 7.69
N GLU A 468 -1.71 -15.94 7.93
CA GLU A 468 -1.57 -14.93 6.84
C GLU A 468 -0.13 -14.95 6.28
N LEU A 469 0.87 -15.08 7.18
CA LEU A 469 2.30 -15.14 6.78
C LEU A 469 2.59 -16.42 6.00
N ILE A 470 2.18 -17.58 6.55
CA ILE A 470 2.37 -18.90 5.91
C ILE A 470 1.58 -18.98 4.58
N GLY A 471 0.29 -18.58 4.60
CA GLY A 471 -0.55 -18.57 3.41
C GLY A 471 0.03 -17.74 2.26
N ARG A 472 0.62 -16.58 2.57
CA ARG A 472 1.24 -15.74 1.57
C ARG A 472 2.50 -16.41 0.96
N ALA A 473 3.37 -16.97 1.84
CA ALA A 473 4.64 -17.61 1.42
C ALA A 473 4.40 -18.81 0.55
N ARG A 474 3.23 -19.46 0.71
CA ARG A 474 2.88 -20.64 -0.10
C ARG A 474 2.37 -20.29 -1.49
N ILE A 475 2.20 -18.99 -1.81
CA ILE A 475 1.74 -18.57 -3.13
C ILE A 475 2.93 -18.16 -4.01
N SER A 476 3.01 -18.73 -5.21
CA SER A 476 4.03 -18.38 -6.20
C SER A 476 3.35 -17.38 -7.16
N GLN A 477 4.11 -16.43 -7.70
CA GLN A 477 3.52 -15.41 -8.59
C GLN A 477 3.74 -15.73 -10.07
N GLY A 478 2.75 -16.40 -10.66
CA GLY A 478 2.73 -16.80 -12.06
C GLY A 478 2.94 -18.29 -12.30
N ALA A 479 3.06 -18.67 -13.59
CA ALA A 479 3.28 -20.04 -14.05
C ALA A 479 4.54 -20.16 -14.90
N GLY A 480 4.96 -21.40 -15.18
CA GLY A 480 6.15 -21.71 -15.96
C GLY A 480 7.45 -21.42 -15.23
N TRP A 481 7.37 -21.40 -13.89
CA TRP A 481 8.49 -21.14 -13.01
C TRP A 481 9.20 -22.44 -12.67
N SER A 482 10.51 -22.46 -12.89
CA SER A 482 11.38 -23.61 -12.60
C SER A 482 11.43 -23.86 -11.09
N LEU A 483 11.89 -25.06 -10.68
CA LEU A 483 12.05 -25.41 -9.26
C LEU A 483 13.02 -24.41 -8.62
N ARG A 484 14.05 -23.96 -9.37
CA ARG A 484 15.05 -22.98 -8.94
C ARG A 484 14.40 -21.63 -8.61
N GLU A 485 13.57 -21.08 -9.53
CA GLU A 485 12.85 -19.80 -9.34
C GLU A 485 11.90 -19.87 -8.14
N THR A 486 11.22 -21.02 -7.99
CA THR A 486 10.26 -21.33 -6.93
C THR A 486 10.97 -21.44 -5.56
N ALA A 487 12.13 -22.13 -5.54
CA ALA A 487 12.97 -22.29 -4.35
C ALA A 487 13.56 -20.96 -3.90
N CYS A 488 13.92 -20.08 -4.86
CA CYS A 488 14.49 -18.76 -4.58
C CYS A 488 13.44 -17.80 -4.00
N LEU A 489 12.16 -17.92 -4.44
CA LEU A 489 11.09 -17.12 -3.87
C LEU A 489 10.82 -17.65 -2.47
N GLY A 490 10.87 -18.97 -2.32
CA GLY A 490 10.73 -19.66 -1.04
C GLY A 490 11.75 -19.16 -0.05
N LYS A 491 13.02 -19.06 -0.51
CA LYS A 491 14.14 -18.56 0.27
C LYS A 491 13.93 -17.09 0.65
N ALA A 492 13.37 -16.27 -0.25
CA ALA A 492 13.08 -14.86 0.02
C ALA A 492 12.07 -14.74 1.18
N TYR A 493 11.01 -15.55 1.16
CA TYR A 493 10.00 -15.59 2.23
C TYR A 493 10.62 -16.02 3.55
N ALA A 494 11.46 -17.09 3.51
CA ALA A 494 12.17 -17.60 4.70
C ALA A 494 13.03 -16.53 5.33
N GLN A 495 13.81 -15.81 4.50
CA GLN A 495 14.71 -14.78 4.99
C GLN A 495 13.97 -13.56 5.46
N MET A 496 12.77 -13.27 4.90
CA MET A 496 11.93 -12.16 5.38
C MET A 496 11.47 -12.50 6.81
N TRP A 497 11.09 -13.77 7.04
CA TRP A 497 10.69 -14.27 8.36
C TRP A 497 11.82 -14.18 9.38
N SER A 498 13.07 -14.48 8.96
CA SER A 498 14.25 -14.40 9.83
C SER A 498 14.50 -12.98 10.28
N LEU A 499 14.18 -12.01 9.41
CA LEU A 499 14.42 -10.59 9.70
CA LEU A 499 14.43 -10.60 9.73
C LEU A 499 13.28 -9.90 10.41
N MET A 500 12.05 -10.22 10.05
CA MET A 500 10.91 -9.53 10.66
C MET A 500 10.12 -10.36 11.64
N TYR A 501 9.98 -11.68 11.40
CA TYR A 501 9.11 -12.54 12.20
C TYR A 501 9.84 -13.71 12.89
N PHE A 502 11.13 -13.49 13.23
CA PHE A 502 12.06 -14.42 13.92
C PHE A 502 11.49 -14.80 15.28
N HIS A 503 10.67 -13.90 15.85
CA HIS A 503 10.05 -14.05 17.17
C HIS A 503 8.88 -15.05 17.20
N ARG A 504 8.53 -15.60 16.03
CA ARG A 504 7.47 -16.60 15.87
C ARG A 504 8.16 -17.95 15.70
N ARG A 505 8.01 -18.86 16.69
CA ARG A 505 8.64 -20.19 16.75
C ARG A 505 8.54 -20.98 15.47
N ASP A 506 7.31 -21.13 14.93
CA ASP A 506 7.04 -21.89 13.71
C ASP A 506 7.73 -21.29 12.50
N LEU A 507 7.76 -19.96 12.42
CA LEU A 507 8.38 -19.28 11.29
C LEU A 507 9.91 -19.35 11.34
N ARG A 508 10.54 -19.33 12.53
CA ARG A 508 12.00 -19.49 12.59
C ARG A 508 12.36 -20.93 12.17
N LEU A 509 11.57 -21.91 12.64
CA LEU A 509 11.77 -23.32 12.29
C LEU A 509 11.59 -23.51 10.78
N ALA A 510 10.40 -23.14 10.20
CA ALA A 510 10.18 -23.25 8.76
C ALA A 510 11.22 -22.44 7.95
N SER A 511 11.63 -21.26 8.45
CA SER A 511 12.65 -20.43 7.76
C SER A 511 13.99 -21.19 7.69
N ASN A 512 14.42 -21.79 8.82
CA ASN A 512 15.66 -22.58 8.89
C ASN A 512 15.56 -23.79 7.98
N ALA A 513 14.38 -24.45 7.94
CA ALA A 513 14.12 -25.59 7.06
C ALA A 513 14.22 -25.20 5.57
N ILE A 514 13.58 -24.09 5.15
CA ILE A 514 13.62 -23.60 3.76
C ILE A 514 15.05 -23.25 3.33
N CYS A 515 15.80 -22.57 4.21
CA CYS A 515 17.18 -22.16 3.94
C CYS A 515 18.17 -23.33 3.90
N SER A 516 17.82 -24.44 4.57
CA SER A 516 18.60 -25.66 4.59
C SER A 516 18.33 -26.49 3.31
N ALA A 517 17.13 -26.34 2.72
CA ALA A 517 16.67 -27.08 1.54
C ALA A 517 17.04 -26.42 0.21
N VAL A 518 17.38 -25.12 0.25
CA VAL A 518 17.69 -24.31 -0.91
C VAL A 518 19.22 -24.07 -0.98
N PRO A 519 19.87 -24.28 -2.16
CA PRO A 519 21.33 -24.04 -2.23
C PRO A 519 21.71 -22.65 -1.73
N VAL A 520 22.73 -22.61 -0.85
CA VAL A 520 23.28 -21.44 -0.14
C VAL A 520 23.64 -20.28 -1.05
N HIS A 521 24.16 -20.57 -2.25
CA HIS A 521 24.61 -19.51 -3.15
C HIS A 521 23.51 -19.00 -4.08
N TRP A 522 22.32 -19.64 -4.06
CA TRP A 522 21.18 -19.20 -4.87
C TRP A 522 20.59 -17.93 -4.26
N VAL A 523 20.51 -16.89 -5.08
CA VAL A 523 20.07 -15.57 -4.70
C VAL A 523 18.54 -15.53 -4.63
N PRO A 524 17.93 -15.04 -3.52
CA PRO A 524 16.46 -14.90 -3.52
C PRO A 524 16.03 -13.99 -4.67
N THR A 525 15.08 -14.45 -5.47
CA THR A 525 14.55 -13.68 -6.61
C THR A 525 13.07 -13.44 -6.40
N SER A 526 12.52 -12.44 -7.11
CA SER A 526 11.13 -11.97 -7.05
C SER A 526 10.82 -11.39 -5.66
N ARG A 527 9.84 -10.52 -5.55
CA ARG A 527 9.51 -9.90 -4.28
C ARG A 527 8.51 -10.71 -3.46
N THR A 528 8.61 -10.59 -2.12
CA THR A 528 7.72 -11.26 -1.17
C THR A 528 6.48 -10.39 -0.91
N THR A 529 6.62 -9.07 -1.20
CA THR A 529 5.59 -8.05 -0.96
C THR A 529 5.83 -6.82 -1.85
N TRP A 530 4.76 -6.07 -2.13
CA TRP A 530 4.81 -4.82 -2.88
C TRP A 530 4.67 -3.65 -1.90
N SER A 531 4.58 -3.94 -0.59
CA SER A 531 4.41 -2.94 0.47
C SER A 531 5.46 -1.84 0.44
N ILE A 532 5.03 -0.59 0.67
CA ILE A 532 5.90 0.58 0.72
C ILE A 532 6.83 0.51 1.94
N HIS A 533 6.42 -0.27 2.96
CA HIS A 533 7.14 -0.45 4.22
C HIS A 533 8.23 -1.53 4.13
N ALA A 534 8.29 -2.26 3.01
CA ALA A 534 9.29 -3.29 2.78
C ALA A 534 10.57 -2.69 2.20
N HIS A 535 11.72 -2.93 2.86
CA HIS A 535 13.02 -2.45 2.38
C HIS A 535 13.83 -3.60 1.77
N HIS A 536 13.27 -4.82 1.84
CA HIS A 536 13.79 -6.04 1.21
C HIS A 536 15.23 -6.42 1.60
N GLN A 537 15.61 -6.21 2.88
CA GLN A 537 16.95 -6.56 3.39
C GLN A 537 17.21 -8.07 3.34
N TRP A 538 16.15 -8.89 3.08
CA TRP A 538 16.22 -10.35 2.96
C TRP A 538 16.58 -10.84 1.54
N MET A 539 16.62 -9.92 0.58
CA MET A 539 16.94 -10.21 -0.82
C MET A 539 18.46 -10.24 -0.98
N THR A 540 19.10 -11.23 -0.35
CA THR A 540 20.55 -11.34 -0.28
C THR A 540 21.01 -12.77 0.05
N THR A 541 22.32 -13.03 -0.07
CA THR A 541 22.95 -14.30 0.30
C THR A 541 23.86 -14.03 1.48
N GLU A 542 23.84 -12.77 1.98
CA GLU A 542 24.57 -12.39 3.17
C GLU A 542 23.97 -13.16 4.35
N ASP A 543 24.80 -13.44 5.38
CA ASP A 543 24.37 -14.16 6.58
C ASP A 543 23.20 -13.41 7.24
N MET A 544 22.06 -14.11 7.45
CA MET A 544 20.86 -13.50 8.03
C MET A 544 21.05 -12.99 9.44
N LEU A 545 21.97 -13.59 10.22
CA LEU A 545 22.25 -13.06 11.57
C LEU A 545 23.03 -11.72 11.51
N THR A 546 23.85 -11.53 10.46
CA THR A 546 24.58 -10.28 10.20
C THR A 546 23.58 -9.20 9.80
N VAL A 547 22.67 -9.54 8.86
CA VAL A 547 21.60 -8.63 8.45
C VAL A 547 20.70 -8.28 9.66
N TRP A 548 20.31 -9.32 10.45
CA TRP A 548 19.51 -9.12 11.66
C TRP A 548 20.15 -8.06 12.55
N ASN A 549 21.46 -8.20 12.85
CA ASN A 549 22.22 -7.28 13.71
C ASN A 549 22.26 -5.87 13.18
N ARG A 550 22.42 -5.74 11.87
CA ARG A 550 22.46 -4.44 11.21
C ARG A 550 21.12 -3.72 11.38
N VAL A 551 20.01 -4.40 11.07
CA VAL A 551 18.65 -3.84 11.15
C VAL A 551 18.20 -3.58 12.60
N TRP A 552 18.32 -4.59 13.47
CA TRP A 552 17.77 -4.48 14.83
C TRP A 552 18.67 -3.87 15.89
N ILE A 553 20.00 -3.84 15.65
CA ILE A 553 20.96 -3.30 16.60
C ILE A 553 21.65 -2.05 16.02
N GLU A 554 22.56 -2.23 15.06
CA GLU A 554 23.38 -1.14 14.51
C GLU A 554 22.63 0.05 14.00
N GLU A 555 21.74 -0.19 13.04
CA GLU A 555 20.96 0.87 12.37
C GLU A 555 19.68 1.24 13.08
N ASN A 556 19.33 0.54 14.19
CA ASN A 556 18.11 0.79 14.95
C ASN A 556 18.28 1.99 15.87
N PRO A 557 17.59 3.12 15.62
CA PRO A 557 17.80 4.30 16.50
C PRO A 557 17.18 4.20 17.89
N TRP A 558 16.30 3.19 18.12
CA TRP A 558 15.72 2.97 19.45
C TRP A 558 16.54 1.94 20.25
N MET A 559 17.71 1.54 19.72
CA MET A 559 18.62 0.60 20.36
C MET A 559 19.88 1.37 20.75
N GLU A 560 19.91 1.87 22.00
CA GLU A 560 21.02 2.67 22.55
C GLU A 560 22.31 1.84 22.66
N ASP A 561 22.22 0.58 23.13
CA ASP A 561 23.34 -0.33 23.26
C ASP A 561 23.57 -1.09 21.95
N LYS A 562 24.72 -0.84 21.30
CA LYS A 562 25.04 -1.45 20.00
C LYS A 562 25.76 -2.82 20.10
N THR A 563 25.75 -3.45 21.27
CA THR A 563 26.38 -4.79 21.43
C THR A 563 25.73 -5.78 20.47
N PRO A 564 26.50 -6.40 19.57
CA PRO A 564 25.88 -7.36 18.65
C PRO A 564 25.45 -8.68 19.32
N VAL A 565 24.49 -9.34 18.67
CA VAL A 565 23.98 -10.65 19.06
C VAL A 565 24.79 -11.61 18.20
N THR A 566 25.51 -12.54 18.85
CA THR A 566 26.43 -13.46 18.18
C THR A 566 25.81 -14.79 17.79
N THR A 567 24.62 -15.08 18.34
CA THR A 567 23.92 -16.33 18.08
C THR A 567 22.39 -16.12 17.99
N TRP A 568 21.70 -16.93 17.16
CA TRP A 568 20.24 -16.92 17.02
C TRP A 568 19.59 -17.35 18.35
N GLU A 569 20.38 -18.03 19.23
CA GLU A 569 19.96 -18.45 20.56
C GLU A 569 19.68 -17.20 21.42
N ASN A 570 20.29 -16.08 21.06
CA ASN A 570 20.11 -14.82 21.78
C ASN A 570 19.14 -13.87 21.03
N VAL A 571 18.51 -14.37 19.93
CA VAL A 571 17.49 -13.63 19.17
C VAL A 571 16.16 -14.08 19.80
N PRO A 572 15.40 -13.18 20.45
CA PRO A 572 14.23 -13.64 21.20
C PRO A 572 13.01 -14.07 20.41
N TYR A 573 12.14 -14.75 21.12
CA TYR A 573 10.85 -15.20 20.65
C TYR A 573 9.81 -14.44 21.43
N LEU A 574 8.56 -14.43 20.91
CA LEU A 574 7.43 -13.91 21.70
C LEU A 574 7.29 -14.90 22.85
N GLY A 575 6.64 -14.49 23.93
CA GLY A 575 6.28 -15.41 25.00
C GLY A 575 5.41 -16.49 24.36
N LYS A 576 5.51 -17.74 24.84
CA LYS A 576 4.78 -18.87 24.26
C LYS A 576 3.27 -18.55 24.13
N ARG A 577 2.68 -17.97 25.17
CA ARG A 577 1.27 -17.61 25.18
C ARG A 577 0.90 -16.58 24.05
N GLU A 578 1.74 -15.53 23.83
CA GLU A 578 1.52 -14.56 22.74
C GLU A 578 1.66 -15.21 21.37
N ASP A 579 2.66 -16.08 21.23
CA ASP A 579 2.92 -16.79 19.99
C ASP A 579 1.66 -17.60 19.64
N GLN A 580 1.10 -18.31 20.62
CA GLN A 580 -0.14 -19.08 20.47
C GLN A 580 -1.33 -18.18 20.15
N TRP A 581 -1.49 -17.05 20.87
CA TRP A 581 -2.58 -16.10 20.62
C TRP A 581 -2.49 -15.55 19.18
N CYS A 582 -1.25 -15.41 18.68
CA CYS A 582 -1.06 -14.93 17.32
C CYS A 582 -0.94 -16.04 16.27
N GLY A 583 -1.45 -17.22 16.60
CA GLY A 583 -1.62 -18.31 15.64
C GLY A 583 -0.65 -19.46 15.58
N SER A 584 0.34 -19.51 16.51
CA SER A 584 1.33 -20.60 16.54
C SER A 584 0.71 -21.95 16.76
N LEU A 585 1.27 -22.98 16.10
CA LEU A 585 0.83 -24.35 16.31
C LEU A 585 1.68 -25.03 17.39
N ILE A 586 2.56 -24.27 18.09
CA ILE A 586 3.38 -24.79 19.20
C ILE A 586 2.45 -25.40 20.25
N GLY A 587 2.77 -26.62 20.68
CA GLY A 587 1.96 -27.34 21.66
C GLY A 587 1.08 -28.40 21.05
N LEU A 588 0.89 -28.38 19.71
CA LEU A 588 0.08 -29.39 19.02
C LEU A 588 0.96 -30.55 18.57
N THR A 589 0.38 -31.76 18.53
CA THR A 589 1.08 -33.00 18.16
C THR A 589 1.56 -32.97 16.72
N SER A 590 0.69 -32.53 15.79
CA SER A 590 0.98 -32.41 14.35
C SER A 590 2.18 -31.49 14.13
N ARG A 591 2.31 -30.44 14.96
CA ARG A 591 3.43 -29.49 14.94
C ARG A 591 4.71 -30.18 15.46
N ALA A 592 4.62 -30.88 16.62
CA ALA A 592 5.74 -31.62 17.25
C ALA A 592 6.29 -32.70 16.32
N THR A 593 5.40 -33.38 15.57
CA THR A 593 5.71 -34.40 14.57
C THR A 593 6.44 -33.76 13.38
N TRP A 594 5.94 -32.59 12.91
CA TRP A 594 6.53 -31.84 11.80
C TRP A 594 7.95 -31.41 12.13
N ALA A 595 8.14 -30.85 13.33
CA ALA A 595 9.43 -30.39 13.85
C ALA A 595 10.45 -31.54 13.89
N GLN A 596 10.01 -32.70 14.42
CA GLN A 596 10.77 -33.94 14.59
C GLN A 596 11.22 -34.51 13.23
N ASN A 597 10.34 -34.47 12.23
CA ASN A 597 10.55 -35.05 10.92
C ASN A 597 10.94 -34.07 9.82
N ILE A 598 11.19 -32.78 10.17
CA ILE A 598 11.56 -31.76 9.18
C ILE A 598 12.90 -32.13 8.41
N PRO A 599 13.95 -32.81 8.98
CA PRO A 599 15.13 -33.13 8.15
C PRO A 599 14.81 -34.03 6.97
N THR A 600 13.77 -34.88 7.08
CA THR A 600 13.31 -35.78 6.02
C THR A 600 12.76 -34.94 4.85
N ALA A 601 11.89 -33.96 5.15
CA ALA A 601 11.32 -33.07 4.13
C ALA A 601 12.40 -32.22 3.46
N ILE A 602 13.35 -31.66 4.24
CA ILE A 602 14.49 -30.87 3.73
C ILE A 602 15.28 -31.71 2.72
N GLN A 603 15.58 -32.97 3.08
CA GLN A 603 16.33 -33.92 2.24
C GLN A 603 15.59 -34.24 0.94
N GLN A 604 14.25 -34.32 0.99
CA GLN A 604 13.42 -34.57 -0.19
C GLN A 604 13.49 -33.39 -1.16
N VAL A 605 13.45 -32.14 -0.63
CA VAL A 605 13.57 -30.93 -1.45
C VAL A 605 14.99 -30.92 -2.05
N ARG A 606 16.01 -31.21 -1.21
CA ARG A 606 17.42 -31.27 -1.61
C ARG A 606 17.65 -32.24 -2.77
N SER A 607 17.10 -33.47 -2.69
CA SER A 607 17.27 -34.49 -3.73
C SER A 607 16.58 -34.11 -5.04
N LEU A 608 15.52 -33.28 -4.97
CA LEU A 608 14.82 -32.85 -6.17
C LEU A 608 15.48 -31.66 -6.83
N ILE A 609 16.16 -30.82 -6.05
CA ILE A 609 16.93 -29.67 -6.55
C ILE A 609 18.20 -30.22 -7.24
N GLY A 610 18.85 -31.19 -6.59
CA GLY A 610 20.04 -31.84 -7.13
C GLY A 610 21.29 -31.75 -6.29
N ASN A 611 22.44 -32.05 -6.91
CA ASN A 611 23.75 -32.03 -6.26
C ASN A 611 24.32 -30.61 -6.26
N GLU A 612 23.92 -29.83 -5.25
CA GLU A 612 24.32 -28.44 -5.05
C GLU A 612 24.88 -28.28 -3.63
N GLU A 613 25.40 -27.09 -3.31
CA GLU A 613 25.91 -26.85 -1.98
C GLU A 613 24.76 -26.41 -1.07
N PHE A 614 24.46 -27.21 -0.05
CA PHE A 614 23.42 -26.90 0.92
C PHE A 614 24.08 -26.74 2.29
N LEU A 615 23.46 -25.97 3.19
CA LEU A 615 23.96 -25.75 4.53
C LEU A 615 22.85 -26.10 5.53
N ASP A 616 23.20 -26.84 6.60
CA ASP A 616 22.25 -27.30 7.61
C ASP A 616 22.04 -26.25 8.72
N TYR A 617 20.87 -25.58 8.69
CA TYR A 617 20.52 -24.53 9.67
C TYR A 617 19.77 -25.07 10.89
N MET A 618 19.34 -26.35 10.86
CA MET A 618 18.61 -26.96 11.98
C MET A 618 19.51 -27.22 13.20
#